data_3DOB
#
_entry.id   3DOB
#
_cell.length_a   102.009
_cell.length_b   102.009
_cell.length_c   80.678
_cell.angle_alpha   90.000
_cell.angle_beta   90.000
_cell.angle_gamma   120.000
#
_symmetry.space_group_name_H-M   'P 32 2 1'
#
loop_
_entity.id
_entity.type
_entity.pdbx_description
1 polymer 'Heat shock 70 kDa protein F44E5.5'
2 non-polymer BETA-MERCAPTOETHANOL
3 water water
#
_entity_poly.entity_id   1
_entity_poly.type   'polypeptide(L)'
_entity_poly.pdbx_seq_one_letter_code
;SNADVAPLSLGIETAGGVMTNLIDRNTRIPTKACKTFTTYADNQPGVSIQVYEGERAMTRDNHRLGTFELSGIPPAPRGV
PQIEVTFNIDANGILNVSAEDKSTGKSNRITIQNEKGRLTQSDIDRMVHEAKQFEKEDGEQRERVQARNQLE
;
_entity_poly.pdbx_strand_id   A,B
#
# COMPACT_ATOMS: atom_id res chain seq x y z
N ASP A 4 2.52 12.68 16.23
CA ASP A 4 2.74 11.26 16.66
C ASP A 4 2.52 10.16 15.55
N VAL A 5 3.57 9.38 15.29
CA VAL A 5 3.72 8.67 14.00
C VAL A 5 4.28 7.25 14.11
N ALA A 6 4.24 6.52 12.99
CA ALA A 6 5.06 5.33 12.85
C ALA A 6 6.43 5.90 12.45
N PRO A 7 7.45 5.72 13.29
CA PRO A 7 8.71 6.38 12.92
C PRO A 7 9.48 5.64 11.82
N LEU A 8 9.21 4.34 11.66
CA LEU A 8 9.72 3.57 10.50
C LEU A 8 8.60 2.90 9.74
N SER A 9 8.87 2.68 8.45
CA SER A 9 7.99 1.92 7.57
C SER A 9 7.83 0.49 8.08
N LEU A 10 6.62 -0.03 7.95
CA LEU A 10 6.27 -1.31 8.47
C LEU A 10 5.76 -2.19 7.32
N GLY A 11 6.21 -3.43 7.24
CA GLY A 11 5.70 -4.30 6.16
C GLY A 11 6.02 -5.74 6.35
N ILE A 12 5.75 -6.54 5.32
CA ILE A 12 6.06 -7.95 5.40
C ILE A 12 7.03 -8.37 4.29
N GLU A 13 7.76 -9.45 4.56
CA GLU A 13 8.62 -10.04 3.53
C GLU A 13 7.81 -10.78 2.49
N THR A 14 7.98 -10.38 1.22
CA THR A 14 7.39 -11.06 0.06
C THR A 14 8.48 -11.86 -0.72
N ALA A 15 8.06 -12.75 -1.62
CA ALA A 15 8.96 -13.68 -2.29
C ALA A 15 10.27 -13.01 -2.75
N GLY A 16 11.41 -13.60 -2.34
CA GLY A 16 12.75 -13.10 -2.72
C GLY A 16 13.39 -12.17 -1.69
N GLY A 17 12.87 -12.18 -0.45
CA GLY A 17 13.34 -11.27 0.62
C GLY A 17 13.02 -9.80 0.40
N VAL A 18 11.96 -9.50 -0.34
CA VAL A 18 11.55 -8.12 -0.62
C VAL A 18 10.70 -7.54 0.51
N MET A 19 10.97 -6.29 0.85
CA MET A 19 10.17 -5.50 1.80
C MET A 19 8.95 -4.89 1.11
N THR A 20 7.76 -5.38 1.46
CA THR A 20 6.49 -4.82 0.96
C THR A 20 5.80 -4.13 2.11
N ASN A 21 5.67 -2.82 2.00
CA ASN A 21 5.08 -2.00 3.03
C ASN A 21 3.55 -2.04 3.10
N LEU A 22 3.08 -1.89 4.34
CA LEU A 22 1.68 -1.62 4.63
C LEU A 22 1.60 -0.22 5.19
N ILE A 23 2.58 0.18 6.00
CA ILE A 23 2.57 1.52 6.57
C ILE A 23 3.91 2.23 6.36
N ASP A 24 3.87 3.39 5.69
CA ASP A 24 5.07 4.22 5.44
C ASP A 24 5.39 5.04 6.66
N ARG A 25 6.68 5.34 6.82
CA ARG A 25 7.14 6.10 7.97
C ARG A 25 6.53 7.49 7.98
N ASN A 26 6.31 8.02 9.18
CA ASN A 26 5.64 9.32 9.40
C ASN A 26 4.14 9.35 9.11
N THR A 27 3.54 8.17 8.87
CA THR A 27 2.09 8.02 8.99
C THR A 27 1.60 8.28 10.43
N ARG A 28 0.65 9.18 10.55
CA ARG A 28 0.04 9.50 11.84
C ARG A 28 -0.63 8.26 12.38
N ILE A 29 -0.50 8.04 13.69
CA ILE A 29 -1.19 6.92 14.36
C ILE A 29 -2.27 7.47 15.30
N PRO A 30 -3.38 6.71 15.55
CA PRO A 30 -3.63 5.33 15.07
C PRO A 30 -3.84 5.21 13.54
N THR A 31 -3.46 4.09 12.96
CA THR A 31 -3.73 3.88 11.54
C THR A 31 -3.91 2.39 11.24
N LYS A 32 -4.56 2.12 10.11
CA LYS A 32 -4.89 0.76 9.73
C LYS A 32 -4.75 0.60 8.21
N ALA A 33 -4.09 -0.46 7.79
CA ALA A 33 -3.90 -0.72 6.36
C ALA A 33 -3.98 -2.21 6.08
N CYS A 34 -4.37 -2.56 4.86
CA CYS A 34 -4.53 -3.96 4.46
C CYS A 34 -4.17 -4.08 3.00
N LYS A 35 -3.58 -5.21 2.62
CA LYS A 35 -3.37 -5.62 1.23
C LYS A 35 -3.64 -7.10 1.12
N THR A 36 -3.89 -7.53 -0.10
CA THR A 36 -4.16 -8.94 -0.39
C THR A 36 -2.87 -9.53 -0.92
N PHE A 37 -2.42 -10.56 -0.25
CA PHE A 37 -1.25 -11.31 -0.62
C PHE A 37 -1.70 -12.69 -1.13
N THR A 38 -0.73 -13.50 -1.55
CA THR A 38 -1.10 -14.76 -2.18
C THR A 38 0.07 -15.72 -2.14
N THR A 39 -0.10 -16.91 -2.75
CA THR A 39 0.96 -17.93 -2.74
C THR A 39 2.03 -17.75 -3.82
N TYR A 40 3.25 -18.14 -3.48
CA TYR A 40 4.36 -18.13 -4.40
C TYR A 40 4.37 -19.43 -5.28
N ALA A 41 3.84 -20.54 -4.78
CA ALA A 41 4.00 -21.83 -5.46
C ALA A 41 2.68 -22.52 -5.51
N ASP A 42 2.50 -23.27 -6.59
CA ASP A 42 1.34 -24.15 -6.78
C ASP A 42 1.15 -25.02 -5.55
N ASN A 43 -0.11 -25.17 -5.11
CA ASN A 43 -0.46 -26.07 -3.99
C ASN A 43 0.20 -25.75 -2.62
N GLN A 44 0.82 -24.58 -2.49
CA GLN A 44 1.48 -24.17 -1.22
C GLN A 44 0.47 -24.26 -0.07
N PRO A 45 0.83 -25.04 0.98
CA PRO A 45 -0.06 -25.30 2.15
C PRO A 45 -0.18 -24.14 3.15
N GLY A 46 0.77 -23.23 3.16
CA GLY A 46 0.83 -22.23 4.22
C GLY A 46 1.68 -21.06 3.76
N VAL A 47 1.58 -19.94 4.49
CA VAL A 47 2.47 -18.78 4.31
C VAL A 47 3.08 -18.35 5.65
N SER A 48 4.26 -17.75 5.64
CA SER A 48 4.85 -17.17 6.87
C SER A 48 4.74 -15.66 6.75
N ILE A 49 4.15 -15.04 7.78
CA ILE A 49 4.02 -13.57 7.82
C ILE A 49 5.18 -13.04 8.66
N GLN A 50 6.19 -12.48 7.99
CA GLN A 50 7.38 -11.98 8.64
C GLN A 50 7.33 -10.46 8.60
N VAL A 51 7.13 -9.87 9.80
CA VAL A 51 6.84 -8.45 9.96
C VAL A 51 8.16 -7.72 10.16
N TYR A 52 8.43 -6.74 9.31
CA TYR A 52 9.67 -5.95 9.35
C TYR A 52 9.40 -4.48 9.47
N GLU A 53 10.41 -3.82 10.02
CA GLU A 53 10.43 -2.39 10.23
C GLU A 53 11.67 -1.81 9.53
N GLY A 54 11.53 -0.72 8.76
CA GLY A 54 12.67 -0.09 8.11
C GLY A 54 12.42 0.35 6.69
N GLU A 55 13.41 1.06 6.11
CA GLU A 55 13.27 1.79 4.85
C GLU A 55 13.91 1.08 3.64
N ARG A 56 14.60 -0.03 3.88
CA ARG A 56 15.36 -0.67 2.83
C ARG A 56 14.51 -1.60 2.00
N ALA A 57 14.97 -1.85 0.78
CA ALA A 57 14.24 -2.61 -0.20
C ALA A 57 14.17 -4.07 0.17
N MET A 58 15.23 -4.57 0.82
CA MET A 58 15.27 -5.99 1.19
C MET A 58 15.17 -6.15 2.69
N THR A 59 14.41 -7.15 3.12
CA THR A 59 14.11 -7.33 4.55
C THR A 59 15.38 -7.65 5.36
N ARG A 60 16.40 -8.23 4.74
CA ARG A 60 17.68 -8.54 5.41
C ARG A 60 18.45 -7.30 5.89
N ASP A 61 18.11 -6.14 5.30
CA ASP A 61 18.64 -4.83 5.66
C ASP A 61 17.67 -4.04 6.58
N ASN A 62 16.53 -4.66 6.93
CA ASN A 62 15.57 -4.06 7.87
C ASN A 62 15.50 -4.84 9.19
N HIS A 63 14.56 -4.53 10.07
CA HIS A 63 14.54 -5.16 11.39
C HIS A 63 13.30 -6.02 11.58
N ARG A 64 13.51 -7.33 11.82
CA ARG A 64 12.35 -8.22 12.03
C ARG A 64 11.64 -7.97 13.35
N LEU A 65 10.33 -7.76 13.28
CA LEU A 65 9.57 -7.54 14.48
C LEU A 65 8.96 -8.83 15.03
N GLY A 66 8.55 -9.73 14.13
CA GLY A 66 7.88 -10.97 14.50
C GLY A 66 7.48 -11.76 13.29
N THR A 67 7.09 -13.01 13.54
CA THR A 67 6.68 -13.96 12.51
C THR A 67 5.52 -14.75 13.08
N PHE A 68 4.55 -15.08 12.23
CA PHE A 68 3.56 -16.08 12.55
C PHE A 68 3.24 -16.80 11.23
N GLU A 69 2.53 -17.92 11.33
CA GLU A 69 2.22 -18.80 10.20
C GLU A 69 0.76 -18.77 9.94
N LEU A 70 0.40 -18.86 8.67
CA LEU A 70 -0.96 -19.14 8.29
C LEU A 70 -0.93 -20.40 7.42
N SER A 71 -1.39 -21.51 8.03
CA SER A 71 -1.37 -22.86 7.45
C SER A 71 -2.74 -23.30 6.95
N GLY A 72 -2.78 -24.35 6.16
CA GLY A 72 -4.06 -25.01 5.84
C GLY A 72 -4.75 -24.32 4.67
N ILE A 73 -3.93 -23.74 3.80
CA ILE A 73 -4.39 -23.18 2.57
C ILE A 73 -4.71 -24.29 1.59
N PRO A 74 -5.95 -24.34 1.10
CA PRO A 74 -6.27 -25.43 0.19
C PRO A 74 -5.42 -25.43 -1.11
N PRO A 75 -5.16 -26.62 -1.69
CA PRO A 75 -4.33 -26.63 -2.90
C PRO A 75 -4.94 -25.80 -4.06
N ALA A 76 -4.16 -24.91 -4.66
CA ALA A 76 -4.61 -24.08 -5.76
C ALA A 76 -3.37 -23.71 -6.53
N PRO A 77 -3.54 -23.22 -7.77
CA PRO A 77 -2.35 -22.72 -8.51
C PRO A 77 -1.74 -21.50 -7.80
N ARG A 78 -0.44 -21.27 -8.01
CA ARG A 78 0.21 -20.14 -7.40
C ARG A 78 -0.56 -18.84 -7.73
N GLY A 79 -0.72 -17.95 -6.75
CA GLY A 79 -1.39 -16.70 -7.01
C GLY A 79 -2.90 -16.69 -6.92
N VAL A 80 -3.54 -17.81 -6.63
CA VAL A 80 -5.00 -17.84 -6.59
C VAL A 80 -5.56 -17.55 -5.20
N PRO A 81 -4.95 -18.11 -4.12
CA PRO A 81 -5.41 -17.74 -2.77
C PRO A 81 -5.34 -16.26 -2.51
N GLN A 82 -6.34 -15.78 -1.77
CA GLN A 82 -6.42 -14.42 -1.29
C GLN A 82 -6.24 -14.33 0.22
N ILE A 83 -5.10 -13.77 0.61
CA ILE A 83 -4.71 -13.65 2.00
C ILE A 83 -4.58 -12.19 2.36
N GLU A 84 -5.56 -11.69 3.09
CA GLU A 84 -5.62 -10.32 3.52
C GLU A 84 -4.77 -10.16 4.74
N VAL A 85 -3.81 -9.22 4.65
CA VAL A 85 -2.96 -8.92 5.76
C VAL A 85 -3.24 -7.52 6.22
N THR A 86 -3.61 -7.37 7.49
CA THR A 86 -3.94 -6.07 8.05
C THR A 86 -2.91 -5.69 9.08
N PHE A 87 -2.37 -4.48 8.95
CA PHE A 87 -1.61 -3.80 10.02
C PHE A 87 -2.48 -2.77 10.70
N ASN A 88 -2.59 -2.91 12.02
CA ASN A 88 -3.31 -1.97 12.80
C ASN A 88 -2.45 -1.46 13.94
N ILE A 89 -2.22 -0.15 13.94
CA ILE A 89 -1.51 0.48 15.05
C ILE A 89 -2.49 1.33 15.84
N ASP A 90 -2.57 1.10 17.14
CA ASP A 90 -3.50 1.85 17.95
C ASP A 90 -2.85 3.13 18.53
N ALA A 91 -3.61 3.92 19.28
CA ALA A 91 -3.12 5.20 19.87
C ALA A 91 -1.93 5.06 20.85
N ASN A 92 -1.72 3.85 21.37
CA ASN A 92 -0.58 3.54 22.24
C ASN A 92 0.66 3.06 21.46
N GLY A 93 0.54 2.98 20.13
CA GLY A 93 1.60 2.51 19.28
C GLY A 93 1.67 0.99 19.21
N ILE A 94 0.67 0.28 19.71
CA ILE A 94 0.69 -1.16 19.66
C ILE A 94 0.27 -1.62 18.27
N LEU A 95 1.09 -2.48 17.64
CA LEU A 95 0.80 -3.01 16.30
C LEU A 95 0.22 -4.45 16.32
N ASN A 96 -0.99 -4.62 15.77
CA ASN A 96 -1.52 -5.95 15.50
C ASN A 96 -1.42 -6.23 14.02
N VAL A 97 -0.85 -7.38 13.68
CA VAL A 97 -0.79 -7.87 12.28
C VAL A 97 -1.66 -9.13 12.19
N SER A 98 -2.66 -9.10 11.31
CA SER A 98 -3.57 -10.19 11.13
C SER A 98 -3.45 -10.70 9.70
N ALA A 99 -3.59 -12.01 9.52
CA ALA A 99 -3.71 -12.59 8.18
C ALA A 99 -4.94 -13.48 8.15
N GLU A 100 -5.73 -13.37 7.08
CA GLU A 100 -6.80 -14.32 6.93
C GLU A 100 -6.96 -14.81 5.48
N ASP A 101 -7.17 -16.11 5.32
CA ASP A 101 -7.43 -16.69 4.02
C ASP A 101 -8.92 -16.44 3.69
N LYS A 102 -9.17 -15.66 2.64
CA LYS A 102 -10.52 -15.23 2.28
C LYS A 102 -11.48 -16.36 2.05
N SER A 103 -11.01 -17.52 1.58
CA SER A 103 -11.97 -18.56 1.26
C SER A 103 -12.29 -19.55 2.39
N THR A 104 -11.29 -19.89 3.19
CA THR A 104 -11.45 -20.79 4.29
C THR A 104 -11.79 -20.04 5.58
N GLY A 105 -11.51 -18.73 5.60
CA GLY A 105 -11.62 -17.89 6.80
C GLY A 105 -10.56 -18.17 7.86
N LYS A 106 -9.60 -19.05 7.56
CA LYS A 106 -8.51 -19.34 8.48
C LYS A 106 -7.65 -18.09 8.70
N SER A 107 -7.34 -17.89 9.98
CA SER A 107 -6.86 -16.63 10.54
C SER A 107 -5.71 -16.86 11.50
N ASN A 108 -4.84 -15.87 11.57
CA ASN A 108 -3.86 -15.83 12.62
C ASN A 108 -3.43 -14.37 12.81
N ARG A 109 -2.83 -14.05 13.95
CA ARG A 109 -2.60 -12.67 14.38
C ARG A 109 -1.33 -12.65 15.25
N ILE A 110 -0.65 -11.52 15.27
CA ILE A 110 0.43 -11.32 16.24
C ILE A 110 0.32 -9.89 16.76
N THR A 111 0.67 -9.71 18.03
CA THR A 111 0.70 -8.39 18.67
C THR A 111 2.16 -7.96 18.87
N ILE A 112 2.52 -6.82 18.31
CA ILE A 112 3.87 -6.32 18.50
C ILE A 112 3.85 -5.14 19.49
N GLN A 113 4.71 -5.24 20.51
CA GLN A 113 4.80 -4.17 21.50
C GLN A 113 5.48 -2.91 20.96
N ASN A 114 4.95 -1.76 21.40
CA ASN A 114 5.46 -0.44 21.05
C ASN A 114 6.96 -0.34 21.31
N GLU A 115 7.35 -0.70 22.55
CA GLU A 115 8.73 -0.87 23.02
C GLU A 115 9.85 -0.71 21.97
N THR A 120 16.09 3.98 19.39
CA THR A 120 16.51 5.35 19.68
C THR A 120 16.26 6.31 18.50
N GLN A 121 16.15 7.60 18.82
CA GLN A 121 15.88 8.66 17.87
C GLN A 121 17.02 8.86 16.87
N SER A 122 18.25 8.74 17.38
CA SER A 122 19.43 8.91 16.55
C SER A 122 19.53 7.85 15.45
N ASP A 123 19.21 6.61 15.77
CA ASP A 123 19.35 5.50 14.82
C ASP A 123 18.20 5.39 13.82
N ILE A 124 17.05 5.97 14.16
CA ILE A 124 15.97 6.18 13.21
C ILE A 124 16.47 7.12 12.11
N ASP A 125 17.15 8.19 12.53
CA ASP A 125 17.69 9.23 11.65
C ASP A 125 18.67 8.69 10.62
N ARG A 126 19.49 7.74 11.03
CA ARG A 126 20.54 7.22 10.15
C ARG A 126 20.04 6.10 9.24
N MET A 127 19.04 5.35 9.72
CA MET A 127 18.37 4.33 8.90
C MET A 127 17.67 4.97 7.70
N VAL A 128 17.07 6.14 7.92
CA VAL A 128 16.49 6.88 6.80
C VAL A 128 17.57 7.51 5.94
N HIS A 129 18.72 7.81 6.55
CA HIS A 129 19.88 8.29 5.80
C HIS A 129 20.56 7.18 4.97
N GLU A 130 20.87 6.04 5.60
CA GLU A 130 21.41 4.86 4.88
C GLU A 130 20.53 4.44 3.71
N ALA A 131 19.21 4.58 3.87
CA ALA A 131 18.23 4.28 2.83
C ALA A 131 18.34 5.23 1.65
N LYS A 132 18.59 6.52 1.96
CA LYS A 132 18.80 7.54 0.94
C LYS A 132 20.10 7.26 0.20
N GLN A 133 21.15 6.90 0.95
CA GLN A 133 22.43 6.45 0.39
C GLN A 133 22.28 5.33 -0.62
N PHE A 134 21.48 4.32 -0.25
CA PHE A 134 21.46 3.06 -0.98
C PHE A 134 20.25 2.95 -1.90
N GLU A 135 19.76 4.09 -2.34
CA GLU A 135 18.51 4.20 -3.06
C GLU A 135 18.54 3.72 -4.51
N LYS A 136 19.67 3.97 -5.18
CA LYS A 136 19.89 3.49 -6.53
C LYS A 136 19.94 1.96 -6.54
N GLU A 137 20.82 1.39 -5.71
CA GLU A 137 21.00 -0.05 -5.64
C GLU A 137 19.74 -0.78 -5.12
N ASP A 138 18.99 -0.11 -4.24
CA ASP A 138 17.72 -0.63 -3.70
C ASP A 138 16.63 -0.62 -4.75
N GLY A 139 16.59 0.44 -5.54
CA GLY A 139 15.64 0.54 -6.64
C GLY A 139 15.87 -0.60 -7.62
N GLU A 140 17.14 -0.86 -7.93
CA GLU A 140 17.48 -1.90 -8.88
C GLU A 140 17.05 -3.26 -8.33
N GLN A 141 17.19 -3.38 -7.01
CA GLN A 141 16.85 -4.59 -6.30
C GLN A 141 15.35 -4.95 -6.42
N ARG A 142 14.50 -3.90 -6.43
CA ARG A 142 13.06 -4.03 -6.65
C ARG A 142 12.71 -4.38 -8.11
N GLU A 143 13.53 -3.89 -9.06
CA GLU A 143 13.39 -4.29 -10.44
C GLU A 143 13.64 -5.79 -10.68
N ARG A 144 14.32 -6.47 -9.75
CA ARG A 144 14.65 -7.90 -9.91
C ARG A 144 13.46 -8.86 -9.75
N VAL A 145 12.41 -8.43 -9.08
CA VAL A 145 11.16 -9.23 -9.03
C VAL A 145 9.96 -8.39 -9.48
N GLN A 146 9.28 -8.85 -10.52
CA GLN A 146 8.23 -8.07 -11.18
C GLN A 146 6.86 -8.39 -10.61
N ALA A 147 6.71 -9.61 -10.07
CA ALA A 147 5.48 -10.03 -9.41
C ALA A 147 5.36 -9.27 -8.08
N ARG A 148 4.15 -9.27 -7.53
CA ARG A 148 3.87 -8.49 -6.34
C ARG A 148 3.06 -9.33 -5.38
N ASN A 149 3.35 -9.16 -4.08
CA ASN A 149 2.50 -9.63 -2.99
C ASN A 149 2.46 -11.16 -2.79
N GLN A 150 3.51 -11.86 -3.21
CA GLN A 150 3.52 -13.32 -3.13
C GLN A 150 4.21 -13.66 -1.87
N LEU A 151 3.73 -14.67 -1.17
CA LEU A 151 4.40 -15.08 0.06
C LEU A 151 4.90 -16.51 -0.02
N GLU A 152 6.11 -16.73 0.50
CA GLU A 152 6.58 -18.04 0.87
C GLU A 152 6.08 -18.45 2.24
N ALA B 3 -3.93 -15.45 -14.13
CA ALA B 3 -2.78 -14.65 -14.65
C ALA B 3 -3.14 -13.20 -15.01
N ASP B 4 -4.35 -12.74 -14.70
CA ASP B 4 -4.64 -11.29 -14.78
C ASP B 4 -4.05 -10.52 -13.61
N VAL B 5 -3.68 -9.28 -13.88
CA VAL B 5 -3.00 -8.42 -12.94
C VAL B 5 -3.50 -7.00 -13.16
N ALA B 6 -3.29 -6.12 -12.20
CA ALA B 6 -3.45 -4.70 -12.43
C ALA B 6 -2.22 -4.27 -13.26
N PRO B 7 -2.45 -3.83 -14.52
CA PRO B 7 -1.32 -3.53 -15.41
C PRO B 7 -0.55 -2.25 -15.01
N LEU B 8 -1.23 -1.35 -14.32
CA LEU B 8 -0.63 -0.13 -13.78
C LEU B 8 -0.97 -0.02 -12.30
N SER B 9 -0.08 0.64 -11.56
CA SER B 9 -0.30 1.03 -10.17
C SER B 9 -1.50 1.98 -10.03
N LEU B 10 -2.22 1.80 -8.94
CA LEU B 10 -3.47 2.50 -8.68
C LEU B 10 -3.37 3.17 -7.33
N GLY B 11 -3.73 4.43 -7.26
CA GLY B 11 -3.67 5.13 -6.00
C GLY B 11 -4.44 6.41 -5.99
N ILE B 12 -4.15 7.24 -5.01
CA ILE B 12 -4.83 8.52 -4.93
C ILE B 12 -3.81 9.64 -4.80
N GLU B 13 -4.23 10.87 -5.12
CA GLU B 13 -3.37 12.03 -4.91
C GLU B 13 -3.40 12.43 -3.44
N THR B 14 -2.21 12.58 -2.86
CA THR B 14 -2.08 13.12 -1.51
C THR B 14 -1.54 14.55 -1.61
N ALA B 15 -1.66 15.30 -0.51
CA ALA B 15 -1.21 16.70 -0.45
C ALA B 15 0.07 16.98 -1.23
N GLY B 16 0.02 17.97 -2.09
CA GLY B 16 1.19 18.38 -2.84
C GLY B 16 1.34 17.70 -4.18
N GLY B 17 0.28 17.05 -4.68
CA GLY B 17 0.27 16.40 -5.99
C GLY B 17 0.95 15.04 -6.03
N VAL B 18 1.13 14.40 -4.87
CA VAL B 18 1.92 13.18 -4.78
C VAL B 18 1.07 11.94 -5.12
N MET B 19 1.58 11.05 -5.97
CA MET B 19 0.97 9.73 -6.17
C MET B 19 1.16 8.80 -4.95
N THR B 20 0.06 8.34 -4.35
CA THR B 20 0.11 7.37 -3.23
C THR B 20 -0.63 6.09 -3.60
N ASN B 21 0.13 5.01 -3.80
CA ASN B 21 -0.37 3.71 -4.21
C ASN B 21 -1.23 3.01 -3.17
N LEU B 22 -2.28 2.35 -3.66
CA LEU B 22 -3.02 1.33 -2.91
C LEU B 22 -2.75 -0.05 -3.49
N ILE B 23 -2.65 -0.10 -4.83
CA ILE B 23 -2.33 -1.33 -5.54
C ILE B 23 -1.16 -1.12 -6.50
N ASP B 24 -0.08 -1.89 -6.32
CA ASP B 24 1.04 -1.86 -7.25
C ASP B 24 0.69 -2.58 -8.56
N ARG B 25 1.20 -2.02 -9.65
CA ARG B 25 1.37 -2.70 -10.91
C ARG B 25 1.82 -4.14 -10.70
N ASN B 26 1.13 -5.06 -11.38
CA ASN B 26 1.43 -6.51 -11.41
C ASN B 26 0.86 -7.33 -10.29
N THR B 27 -0.01 -6.70 -9.51
CA THR B 27 -0.74 -7.43 -8.47
C THR B 27 -1.83 -8.27 -9.13
N ARG B 28 -1.82 -9.58 -8.85
CA ARG B 28 -2.86 -10.49 -9.35
C ARG B 28 -4.24 -9.94 -8.94
N ILE B 29 -5.21 -10.09 -9.83
CA ILE B 29 -6.60 -9.76 -9.53
C ILE B 29 -7.47 -11.03 -9.50
N PRO B 30 -8.55 -11.06 -8.68
CA PRO B 30 -9.11 -9.96 -7.85
C PRO B 30 -8.22 -9.58 -6.66
N THR B 31 -8.31 -8.34 -6.21
CA THR B 31 -7.52 -7.87 -5.10
C THR B 31 -8.23 -6.69 -4.43
N LYS B 32 -7.90 -6.51 -3.15
CA LYS B 32 -8.46 -5.48 -2.34
C LYS B 32 -7.37 -4.96 -1.40
N ALA B 33 -7.28 -3.64 -1.27
CA ALA B 33 -6.31 -3.00 -0.39
C ALA B 33 -6.97 -1.78 0.20
N CYS B 34 -6.48 -1.34 1.36
CA CYS B 34 -7.08 -0.26 2.10
C CYS B 34 -5.97 0.45 2.90
N LYS B 35 -6.04 1.79 2.96
CA LYS B 35 -5.16 2.62 3.76
C LYS B 35 -5.96 3.69 4.49
N THR B 36 -5.48 4.13 5.64
CA THR B 36 -6.11 5.21 6.36
C THR B 36 -5.47 6.53 5.97
N PHE B 37 -6.30 7.47 5.54
CA PHE B 37 -5.86 8.83 5.21
C PHE B 37 -6.47 9.85 6.20
N THR B 38 -6.01 11.08 6.09
CA THR B 38 -6.39 12.14 6.99
C THR B 38 -6.40 13.51 6.30
N THR B 39 -6.79 14.54 7.06
CA THR B 39 -6.85 15.91 6.54
C THR B 39 -5.50 16.62 6.52
N TYR B 40 -5.34 17.49 5.54
CA TYR B 40 -4.13 18.26 5.38
C TYR B 40 -4.13 19.56 6.24
N ALA B 41 -5.31 20.15 6.44
CA ALA B 41 -5.42 21.45 7.13
C ALA B 41 -6.33 21.36 8.32
N ASP B 42 -6.04 22.18 9.34
CA ASP B 42 -6.89 22.27 10.52
C ASP B 42 -8.35 22.54 10.12
N ASN B 43 -9.27 21.80 10.73
CA ASN B 43 -10.72 21.99 10.51
C ASN B 43 -11.21 21.82 9.06
N GLN B 44 -10.41 21.16 8.23
CA GLN B 44 -10.81 20.79 6.88
C GLN B 44 -12.14 19.99 6.89
N PRO B 45 -13.16 20.50 6.16
CA PRO B 45 -14.52 19.95 6.17
C PRO B 45 -14.74 18.76 5.26
N GLY B 46 -13.79 18.51 4.37
CA GLY B 46 -13.93 17.46 3.38
C GLY B 46 -12.59 17.10 2.78
N VAL B 47 -12.58 15.99 2.04
CA VAL B 47 -11.40 15.56 1.32
C VAL B 47 -11.80 15.23 -0.12
N SER B 48 -10.85 15.37 -1.03
CA SER B 48 -11.09 15.04 -2.42
C SER B 48 -10.37 13.72 -2.75
N ILE B 49 -11.13 12.68 -3.09
CA ILE B 49 -10.53 11.39 -3.48
C ILE B 49 -10.30 11.41 -5.00
N GLN B 50 -9.04 11.59 -5.39
CA GLN B 50 -8.64 11.64 -6.79
C GLN B 50 -7.85 10.40 -7.17
N VAL B 51 -8.50 9.54 -7.97
CA VAL B 51 -8.02 8.20 -8.32
C VAL B 51 -7.12 8.26 -9.56
N TYR B 52 -5.90 7.75 -9.43
CA TYR B 52 -4.94 7.80 -10.51
C TYR B 52 -4.37 6.44 -10.81
N GLU B 53 -3.81 6.35 -12.02
CA GLU B 53 -3.26 5.16 -12.59
C GLU B 53 -1.89 5.54 -13.18
N GLY B 54 -0.86 4.78 -12.87
CA GLY B 54 0.46 5.09 -13.42
C GLY B 54 1.54 4.93 -12.38
N GLU B 55 2.77 5.07 -12.86
CA GLU B 55 3.98 4.69 -12.12
C GLU B 55 4.84 5.89 -11.74
N ARG B 56 4.36 7.09 -12.06
CA ARG B 56 5.12 8.31 -11.79
C ARG B 56 4.86 8.79 -10.38
N ALA B 57 5.84 9.51 -9.81
CA ALA B 57 5.83 9.97 -8.40
C ALA B 57 4.76 11.02 -8.14
N MET B 58 4.52 11.86 -9.16
CA MET B 58 3.56 12.95 -9.08
C MET B 58 2.36 12.63 -9.95
N THR B 59 1.16 12.88 -9.43
CA THR B 59 -0.07 12.55 -10.13
C THR B 59 -0.32 13.27 -11.48
N ARG B 60 0.31 14.43 -11.72
CA ARG B 60 0.21 15.14 -13.01
C ARG B 60 0.82 14.35 -14.16
N ASP B 61 1.75 13.44 -13.84
CA ASP B 61 2.39 12.61 -14.85
C ASP B 61 1.72 11.26 -14.94
N ASN B 62 0.62 11.11 -14.21
CA ASN B 62 -0.21 9.91 -14.30
C ASN B 62 -1.56 10.21 -14.91
N HIS B 63 -2.40 9.19 -15.01
CA HIS B 63 -3.67 9.28 -15.70
C HIS B 63 -4.78 9.22 -14.65
N ARG B 64 -5.65 10.24 -14.63
CA ARG B 64 -6.73 10.27 -13.66
C ARG B 64 -7.91 9.44 -14.16
N LEU B 65 -8.50 8.67 -13.25
CA LEU B 65 -9.65 7.82 -13.59
C LEU B 65 -10.98 8.34 -13.05
N GLY B 66 -10.92 9.15 -12.01
CA GLY B 66 -12.12 9.66 -11.41
C GLY B 66 -11.84 10.43 -10.15
N THR B 67 -12.87 11.12 -9.66
CA THR B 67 -12.79 11.94 -8.47
C THR B 67 -14.10 11.76 -7.72
N PHE B 68 -14.02 11.74 -6.40
CA PHE B 68 -15.20 11.96 -5.55
C PHE B 68 -14.87 12.66 -4.24
N GLU B 69 -15.86 13.32 -3.66
CA GLU B 69 -15.64 14.05 -2.43
C GLU B 69 -16.14 13.25 -1.24
N LEU B 70 -15.50 13.45 -0.10
CA LEU B 70 -16.06 12.99 1.16
C LEU B 70 -16.07 14.18 2.09
N SER B 71 -17.27 14.56 2.52
CA SER B 71 -17.38 15.79 3.29
C SER B 71 -18.02 15.48 4.63
N GLY B 72 -18.50 16.54 5.30
CA GLY B 72 -19.07 16.40 6.63
C GLY B 72 -18.06 16.08 7.72
N ILE B 73 -16.77 16.26 7.44
CA ILE B 73 -15.73 16.00 8.45
C ILE B 73 -15.88 17.09 9.54
N PRO B 74 -16.10 16.66 10.80
CA PRO B 74 -16.16 17.63 11.89
C PRO B 74 -14.84 18.39 12.07
N PRO B 75 -14.91 19.64 12.59
CA PRO B 75 -13.69 20.40 12.88
C PRO B 75 -12.75 19.60 13.79
N ALA B 76 -11.46 19.56 13.42
CA ALA B 76 -10.43 18.85 14.19
C ALA B 76 -9.05 19.30 13.74
N PRO B 77 -8.03 19.11 14.59
CA PRO B 77 -6.69 19.49 14.10
C PRO B 77 -6.30 18.66 12.89
N ARG B 78 -5.50 19.23 11.98
CA ARG B 78 -5.08 18.50 10.79
C ARG B 78 -4.53 17.15 11.21
N GLY B 79 -4.84 16.14 10.40
CA GLY B 79 -4.28 14.82 10.63
C GLY B 79 -4.95 14.02 11.72
N VAL B 80 -6.04 14.52 12.30
CA VAL B 80 -6.81 13.78 13.32
C VAL B 80 -7.91 12.89 12.71
N PRO B 81 -8.67 13.40 11.70
CA PRO B 81 -9.65 12.48 11.08
C PRO B 81 -8.99 11.25 10.44
N GLN B 82 -9.72 10.14 10.47
CA GLN B 82 -9.29 8.89 9.87
C GLN B 82 -10.26 8.53 8.73
N ILE B 83 -9.79 8.69 7.49
CA ILE B 83 -10.56 8.38 6.31
C ILE B 83 -10.00 7.11 5.70
N GLU B 84 -10.77 6.03 5.79
CA GLU B 84 -10.34 4.77 5.23
C GLU B 84 -10.71 4.71 3.76
N VAL B 85 -9.70 4.45 2.92
CA VAL B 85 -9.89 4.35 1.47
C VAL B 85 -9.60 2.93 0.96
N THR B 86 -10.58 2.31 0.31
CA THR B 86 -10.49 0.94 -0.20
C THR B 86 -10.53 0.89 -1.74
N PHE B 87 -9.53 0.22 -2.32
CA PHE B 87 -9.55 -0.11 -3.74
C PHE B 87 -9.84 -1.60 -3.84
N ASN B 88 -10.88 -1.95 -4.60
CA ASN B 88 -11.24 -3.33 -4.85
C ASN B 88 -11.28 -3.55 -6.34
N ILE B 89 -10.51 -4.51 -6.82
CA ILE B 89 -10.61 -4.90 -8.20
C ILE B 89 -11.21 -6.31 -8.26
N ASP B 90 -12.27 -6.50 -9.04
CA ASP B 90 -12.86 -7.83 -9.20
C ASP B 90 -12.14 -8.65 -10.28
N ALA B 91 -12.62 -9.88 -10.53
CA ALA B 91 -12.01 -10.77 -11.52
C ALA B 91 -12.08 -10.29 -12.98
N ASN B 92 -13.02 -9.41 -13.27
CA ASN B 92 -13.14 -8.72 -14.56
C ASN B 92 -12.34 -7.43 -14.64
N GLY B 93 -11.60 -7.06 -13.61
CA GLY B 93 -10.82 -5.83 -13.68
C GLY B 93 -11.56 -4.55 -13.34
N ILE B 94 -12.79 -4.66 -12.88
CA ILE B 94 -13.54 -3.49 -12.42
C ILE B 94 -13.08 -3.00 -11.05
N LEU B 95 -12.83 -1.69 -10.98
CA LEU B 95 -12.31 -1.02 -9.81
C LEU B 95 -13.43 -0.25 -9.09
N ASN B 96 -13.62 -0.56 -7.82
CA ASN B 96 -14.42 0.25 -6.89
C ASN B 96 -13.52 0.90 -5.86
N VAL B 97 -13.60 2.22 -5.76
CA VAL B 97 -12.88 2.96 -4.74
C VAL B 97 -13.87 3.53 -3.73
N SER B 98 -13.64 3.23 -2.46
CA SER B 98 -14.51 3.65 -1.35
C SER B 98 -13.72 4.47 -0.32
N ALA B 99 -14.38 5.47 0.25
CA ALA B 99 -13.90 6.24 1.39
C ALA B 99 -14.99 6.26 2.48
N GLU B 100 -14.56 6.16 3.73
CA GLU B 100 -15.44 6.43 4.86
C GLU B 100 -14.71 7.11 6.02
N ASP B 101 -15.36 8.10 6.62
CA ASP B 101 -14.86 8.73 7.79
C ASP B 101 -15.15 7.77 8.93
N LYS B 102 -14.12 7.31 9.59
CA LYS B 102 -14.30 6.32 10.63
C LYS B 102 -15.19 6.83 11.76
N SER B 103 -15.26 8.14 11.92
CA SER B 103 -15.92 8.71 13.09
C SER B 103 -17.40 8.99 12.82
N THR B 104 -17.68 9.62 11.70
CA THR B 104 -19.04 9.99 11.34
C THR B 104 -19.70 8.91 10.51
N GLY B 105 -18.93 7.93 10.07
CA GLY B 105 -19.42 6.92 9.15
C GLY B 105 -19.81 7.42 7.77
N LYS B 106 -19.57 8.71 7.45
CA LYS B 106 -19.87 9.22 6.11
C LYS B 106 -19.08 8.48 5.00
N SER B 107 -19.80 8.10 3.95
CA SER B 107 -19.26 7.15 2.98
C SER B 107 -19.50 7.62 1.55
N ASN B 108 -18.57 7.28 0.67
CA ASN B 108 -18.74 7.51 -0.75
C ASN B 108 -17.91 6.45 -1.48
N ARG B 109 -18.27 6.19 -2.73
CA ARG B 109 -17.64 5.18 -3.60
C ARG B 109 -17.79 5.68 -5.03
N ILE B 110 -16.81 5.40 -5.88
CA ILE B 110 -16.99 5.43 -7.33
C ILE B 110 -16.60 4.11 -7.97
N THR B 111 -17.26 3.78 -9.07
CA THR B 111 -16.91 2.62 -9.89
C THR B 111 -16.14 3.06 -11.13
N ILE B 112 -14.97 2.48 -11.35
CA ILE B 112 -14.24 2.71 -12.59
C ILE B 112 -14.33 1.45 -13.42
N GLN B 113 -14.82 1.61 -14.64
CA GLN B 113 -15.04 0.46 -15.49
C GLN B 113 -13.78 -0.04 -16.18
N ASN B 114 -13.75 -1.34 -16.43
CA ASN B 114 -12.78 -1.91 -17.33
C ASN B 114 -13.32 -1.74 -18.75
N GLU B 115 -12.72 -0.83 -19.49
CA GLU B 115 -13.05 -0.62 -20.90
C GLU B 115 -11.86 -1.12 -21.70
N LYS B 116 -11.50 -2.38 -21.47
CA LYS B 116 -10.40 -3.04 -22.17
C LYS B 116 -10.38 -2.64 -23.65
N GLY B 117 -9.25 -2.06 -24.07
CA GLY B 117 -9.15 -1.36 -25.36
C GLY B 117 -8.77 0.12 -25.19
N ARG B 118 -9.13 0.70 -24.03
CA ARG B 118 -8.81 2.10 -23.64
C ARG B 118 -7.32 2.33 -23.42
N LEU B 119 -6.73 1.50 -22.56
CA LEU B 119 -5.30 1.53 -22.37
C LEU B 119 -4.74 0.21 -22.87
N THR B 120 -3.93 0.28 -23.94
CA THR B 120 -3.38 -0.92 -24.55
C THR B 120 -2.13 -1.36 -23.81
N GLN B 121 -1.66 -2.57 -24.08
CA GLN B 121 -0.41 -3.01 -23.53
C GLN B 121 0.77 -2.12 -23.99
N SER B 122 0.68 -1.54 -25.20
CA SER B 122 1.70 -0.65 -25.74
C SER B 122 1.72 0.68 -25.01
N ASP B 123 0.55 1.23 -24.69
CA ASP B 123 0.46 2.31 -23.69
C ASP B 123 1.16 2.00 -22.39
N ILE B 124 0.86 0.83 -21.83
CA ILE B 124 1.34 0.44 -20.51
C ILE B 124 2.86 0.32 -20.54
N ASP B 125 3.38 -0.29 -21.61
CA ASP B 125 4.81 -0.50 -21.84
C ASP B 125 5.54 0.83 -21.90
N ARG B 126 4.91 1.79 -22.57
CA ARG B 126 5.44 3.14 -22.67
C ARG B 126 5.51 3.83 -21.32
N MET B 127 4.43 3.69 -20.55
CA MET B 127 4.38 4.26 -19.19
C MET B 127 5.39 3.64 -18.23
N VAL B 128 5.59 2.33 -18.26
CA VAL B 128 6.64 1.79 -17.39
C VAL B 128 8.07 2.16 -17.82
N HIS B 129 8.31 2.24 -19.12
CA HIS B 129 9.56 2.74 -19.66
C HIS B 129 9.84 4.21 -19.27
N GLU B 130 8.85 5.09 -19.41
CA GLU B 130 8.99 6.48 -18.95
C GLU B 130 9.25 6.68 -17.44
N ALA B 131 8.61 5.86 -16.59
CA ALA B 131 8.84 5.89 -15.14
C ALA B 131 10.30 5.55 -14.87
N LYS B 132 10.84 4.56 -15.58
CA LYS B 132 12.27 4.27 -15.52
C LYS B 132 13.12 5.46 -16.01
N GLN B 133 12.83 6.01 -17.19
CA GLN B 133 13.56 7.19 -17.67
C GLN B 133 13.58 8.34 -16.61
N PHE B 134 12.44 8.59 -15.97
CA PHE B 134 12.30 9.71 -15.05
C PHE B 134 12.42 9.35 -13.57
N GLU B 135 13.03 8.21 -13.23
CA GLU B 135 13.12 7.79 -11.83
C GLU B 135 13.98 8.68 -10.90
N LYS B 136 15.13 9.13 -11.37
CA LYS B 136 15.97 10.06 -10.61
C LYS B 136 15.25 11.39 -10.33
N GLU B 137 14.66 11.98 -11.37
CA GLU B 137 13.81 13.16 -11.24
C GLU B 137 12.67 12.92 -10.25
N ASP B 138 11.93 11.84 -10.46
CA ASP B 138 10.84 11.43 -9.56
C ASP B 138 11.27 11.20 -8.09
N GLY B 139 12.53 10.79 -7.90
CA GLY B 139 13.09 10.48 -6.58
C GLY B 139 13.45 11.73 -5.80
N GLU B 140 13.75 12.79 -6.53
CA GLU B 140 13.97 14.09 -5.95
C GLU B 140 12.65 14.75 -5.56
N GLN B 141 11.64 14.62 -6.41
CA GLN B 141 10.34 15.22 -6.13
C GLN B 141 9.50 14.44 -5.09
N ARG B 142 9.90 13.20 -4.80
CA ARG B 142 9.22 12.35 -3.80
C ARG B 142 9.56 12.85 -2.38
N GLU B 143 10.84 13.16 -2.17
CA GLU B 143 11.36 13.53 -0.86
C GLU B 143 10.93 14.94 -0.42
N ARG B 144 10.59 15.78 -1.41
CA ARG B 144 10.22 17.18 -1.18
C ARG B 144 8.90 17.41 -0.43
N VAL B 145 8.13 16.36 -0.17
CA VAL B 145 6.80 16.53 0.45
C VAL B 145 6.62 15.84 1.82
N ARG B 148 2.90 12.12 5.13
CA ARG B 148 2.10 11.30 4.20
C ARG B 148 0.71 10.84 4.60
N ASN B 149 -0.04 10.33 3.63
CA ASN B 149 -1.48 10.03 3.79
C ASN B 149 -2.40 11.24 4.13
N GLN B 150 -1.93 12.44 3.78
CA GLN B 150 -2.71 13.65 4.01
C GLN B 150 -3.45 14.03 2.72
N LEU B 151 -4.72 14.45 2.84
CA LEU B 151 -5.51 14.77 1.66
C LEU B 151 -6.03 16.22 1.67
N GLU B 152 -5.98 16.87 0.51
CA GLU B 152 -6.63 18.16 0.35
C GLU B 152 -8.10 17.95 -0.06
#